data_6IEZ
#
_entry.id   6IEZ
#
_cell.length_a   59.861
_cell.length_b   59.861
_cell.length_c   152.447
_cell.angle_alpha   90.000
_cell.angle_beta   90.000
_cell.angle_gamma   90.000
#
_symmetry.space_group_name_H-M   'P 41 21 2'
#
loop_
_entity.id
_entity.type
_entity.pdbx_description
1 polymer 'LIPID-TRANSFER PROTEIN CERT'
2 non-polymer "2-({4'-pentyl-3'-[2-(pyridin-2-yl)ethyl][1,1'-biphenyl]-4-yl}sulfonyl)ethan-1-ol"
3 water water
#
_entity_poly.entity_id   1
_entity_poly.type   'polypeptide(L)'
_entity_poly.pdbx_seq_one_letter_code
;GPTHRFVQKVEEMVQNHMTYSLQDVGGDANWQLVVEEGEMKVYRREVEENGIVLDPLKATHAVKGVTGHEVCNYFWNVDV
RNDWETTIENFHVVETLADNAIIIYQTHKRVWPASQRDVLYLSVIRKIPALTENDPETWIVCNFSVDHDSAPLNNRCVRA
KINVAMICQTLVSPPEGNQEISRDNILCKITYVANVNPGGWAPASVLRAVAKREYPKFLKRFTSYVQEKTAGKPILF
;
_entity_poly.pdbx_strand_id   A
#
loop_
_chem_comp.id
_chem_comp.type
_chem_comp.name
_chem_comp.formula
A50 non-polymer 2-({4'-pentyl-3'-[2-(pyridin-2-yl)ethyl][1,1'-biphenyl]-4-yl}sulfonyl)ethan-1-ol 'C26 H31 N O3 S'
#
# COMPACT_ATOMS: atom_id res chain seq x y z
N THR A 3 6.58 15.33 -16.80
CA THR A 3 5.16 15.76 -16.67
C THR A 3 4.31 14.95 -17.65
N HIS A 4 3.61 13.96 -17.09
CA HIS A 4 2.59 13.18 -17.77
C HIS A 4 1.23 13.77 -17.40
N ARG A 5 0.15 13.19 -17.93
CA ARG A 5 -1.17 13.80 -17.81
C ARG A 5 -1.76 13.63 -16.42
N PHE A 6 -1.07 12.89 -15.52
CA PHE A 6 -1.63 12.60 -14.20
C PHE A 6 -0.94 13.41 -13.09
N VAL A 7 0.02 14.26 -13.46
CA VAL A 7 0.88 14.87 -12.46
C VAL A 7 0.06 15.55 -11.36
N GLN A 8 -1.01 16.24 -11.75
CA GLN A 8 -1.74 16.99 -10.73
C GLN A 8 -2.66 16.07 -9.93
N LYS A 9 -3.23 15.04 -10.56
CA LYS A 9 -4.02 14.10 -9.76
C LYS A 9 -3.10 13.42 -8.75
N VAL A 10 -1.90 13.05 -9.18
CA VAL A 10 -0.91 12.45 -8.30
C VAL A 10 -0.63 13.36 -7.10
N GLU A 11 -0.34 14.64 -7.36
CA GLU A 11 -0.05 15.57 -6.28
C GLU A 11 -1.21 15.66 -5.28
N GLU A 12 -2.43 15.69 -5.78
CA GLU A 12 -3.58 15.73 -4.90
C GLU A 12 -3.70 14.47 -4.04
N MET A 13 -3.48 13.28 -4.65
CA MET A 13 -3.64 12.05 -3.87
C MET A 13 -2.54 11.98 -2.82
N VAL A 14 -1.33 12.35 -3.20
CA VAL A 14 -0.20 12.31 -2.27
C VAL A 14 -0.45 13.27 -1.12
N GLN A 15 -0.96 14.48 -1.43
CA GLN A 15 -1.13 15.53 -0.44
C GLN A 15 -2.21 15.15 0.56
N ASN A 16 -3.30 14.56 0.05
CA ASN A 16 -4.35 14.02 0.91
C ASN A 16 -3.81 12.95 1.85
N HIS A 17 -2.91 12.10 1.35
CA HIS A 17 -2.35 11.09 2.23
C HIS A 17 -1.47 11.73 3.30
N MET A 18 -0.69 12.76 2.93
CA MET A 18 0.19 13.37 3.91
C MET A 18 -0.63 14.11 4.96
N THR A 19 -1.78 14.65 4.55
CA THR A 19 -2.64 15.43 5.42
C THR A 19 -3.40 14.52 6.37
N TYR A 20 -4.04 13.47 5.82
CA TYR A 20 -5.01 12.67 6.56
C TYR A 20 -4.48 11.29 6.95
N SER A 21 -3.73 10.64 6.06
CA SER A 21 -3.38 9.25 6.30
C SER A 21 -2.33 9.11 7.38
N LEU A 22 -1.44 10.12 7.52
CA LEU A 22 -0.35 10.00 8.47
C LEU A 22 -0.81 10.15 9.92
N GLN A 23 -1.95 10.83 10.16
CA GLN A 23 -2.41 11.12 11.50
C GLN A 23 -2.49 9.87 12.37
N ASP A 24 -2.15 10.05 13.64
CA ASP A 24 -2.17 8.95 14.59
C ASP A 24 -3.63 8.64 14.93
N VAL A 25 -3.93 7.35 15.14
CA VAL A 25 -5.30 6.96 15.42
C VAL A 25 -5.40 6.23 16.76
N GLY A 26 -4.30 6.19 17.54
CA GLY A 26 -4.31 5.56 18.86
C GLY A 26 -5.40 6.11 19.77
N GLY A 27 -5.59 7.44 19.71
CA GLY A 27 -6.61 8.12 20.49
C GLY A 27 -7.97 8.22 19.79
N ASP A 28 -8.12 7.59 18.61
CA ASP A 28 -9.32 7.78 17.80
C ASP A 28 -10.20 6.52 17.83
N ALA A 29 -11.28 6.58 18.63
CA ALA A 29 -12.20 5.46 18.80
C ALA A 29 -12.90 5.12 17.48
N ASN A 30 -12.83 6.01 16.49
CA ASN A 30 -13.46 5.74 15.20
C ASN A 30 -12.81 4.55 14.53
N TRP A 31 -11.50 4.34 14.81
CA TRP A 31 -10.75 3.22 14.27
C TRP A 31 -10.87 2.04 15.20
N GLN A 32 -11.23 0.88 14.65
CA GLN A 32 -11.24 -0.28 15.49
C GLN A 32 -9.92 -0.99 15.30
N LEU A 33 -9.19 -1.24 16.39
CA LEU A 33 -7.93 -1.97 16.31
C LEU A 33 -8.27 -3.46 16.27
N VAL A 34 -7.93 -4.13 15.16
CA VAL A 34 -8.42 -5.47 14.87
C VAL A 34 -7.34 -6.50 15.18
N VAL A 35 -6.09 -6.18 14.87
CA VAL A 35 -4.99 -7.12 15.05
C VAL A 35 -3.78 -6.32 15.51
N GLU A 36 -3.12 -6.78 16.58
CA GLU A 36 -1.84 -6.24 17.00
C GLU A 36 -0.83 -7.37 17.12
N GLU A 37 0.32 -7.20 16.50
CA GLU A 37 1.43 -8.13 16.65
C GLU A 37 2.68 -7.30 16.89
N GLY A 38 2.95 -6.97 18.17
CA GLY A 38 4.05 -6.06 18.50
C GLY A 38 3.80 -4.61 18.05
N GLU A 39 4.70 -4.14 17.18
CA GLU A 39 4.67 -2.80 16.60
C GLU A 39 3.67 -2.73 15.44
N MET A 40 3.33 -3.90 14.86
CA MET A 40 2.31 -3.97 13.83
C MET A 40 0.90 -3.89 14.41
N LYS A 41 0.19 -2.82 14.05
CA LYS A 41 -1.15 -2.52 14.52
C LYS A 41 -2.04 -2.30 13.30
N VAL A 42 -3.16 -3.06 13.23
CA VAL A 42 -3.97 -3.05 12.03
C VAL A 42 -5.37 -2.69 12.47
N TYR A 43 -5.89 -1.59 11.90
CA TYR A 43 -7.20 -1.06 12.24
C TYR A 43 -8.11 -1.05 11.01
N ARG A 44 -9.43 -1.04 11.27
CA ARG A 44 -10.44 -0.90 10.24
C ARG A 44 -11.57 0.00 10.73
N ARG A 45 -12.31 0.61 9.79
CA ARG A 45 -13.66 1.09 10.04
C ARG A 45 -14.64 0.19 9.31
N GLU A 46 -15.77 -0.10 9.95
CA GLU A 46 -16.76 -0.95 9.34
C GLU A 46 -17.62 -0.03 8.48
N VAL A 47 -17.43 -0.08 7.15
CA VAL A 47 -18.18 0.79 6.26
C VAL A 47 -18.78 -0.04 5.14
N GLU A 48 -20.06 0.21 4.82
CA GLU A 48 -20.69 -0.46 3.69
C GLU A 48 -21.39 0.55 2.80
N GLU A 49 -21.25 0.36 1.49
CA GLU A 49 -22.01 1.21 0.59
C GLU A 49 -22.83 0.32 -0.33
N ASN A 50 -24.14 0.53 -0.27
CA ASN A 50 -25.09 -0.26 -1.04
C ASN A 50 -24.85 -1.74 -0.77
N GLY A 51 -24.70 -2.11 0.51
CA GLY A 51 -24.46 -3.50 0.88
C GLY A 51 -23.11 -4.05 0.45
N ILE A 52 -22.17 -3.19 0.05
CA ILE A 52 -20.84 -3.69 -0.26
C ILE A 52 -19.84 -3.20 0.79
N VAL A 53 -19.12 -4.12 1.42
CA VAL A 53 -18.09 -3.74 2.40
C VAL A 53 -17.01 -2.90 1.73
N LEU A 54 -16.69 -1.74 2.33
CA LEU A 54 -15.63 -0.85 1.84
C LEU A 54 -14.54 -0.73 2.91
N ASP A 55 -14.77 -1.30 4.10
CA ASP A 55 -13.96 -1.12 5.31
C ASP A 55 -12.58 -0.50 5.08
N PRO A 56 -12.38 0.82 5.33
CA PRO A 56 -11.04 1.41 5.32
C PRO A 56 -10.12 0.60 6.21
N LEU A 57 -8.90 0.34 5.72
CA LEU A 57 -7.84 -0.36 6.43
C LEU A 57 -6.74 0.65 6.71
N LYS A 58 -6.29 0.69 7.96
CA LYS A 58 -5.15 1.49 8.28
C LYS A 58 -4.28 0.69 9.23
N ALA A 59 -2.97 0.71 8.98
CA ALA A 59 -2.03 -0.10 9.72
C ALA A 59 -0.77 0.72 9.97
N THR A 60 -0.17 0.53 11.15
CA THR A 60 1.13 1.11 11.40
C THR A 60 2.09 -0.02 11.75
N HIS A 61 3.38 0.29 11.63
CA HIS A 61 4.40 -0.72 11.81
C HIS A 61 5.75 -0.04 12.00
N ALA A 62 6.68 -0.76 12.64
CA ALA A 62 8.03 -0.28 12.87
C ALA A 62 8.99 -1.43 12.53
N VAL A 63 9.84 -1.21 11.52
CA VAL A 63 10.68 -2.27 10.98
C VAL A 63 12.14 -1.84 11.20
N LYS A 64 12.92 -2.66 11.92
CA LYS A 64 14.33 -2.36 12.12
C LYS A 64 15.12 -2.64 10.86
N GLY A 65 16.12 -1.78 10.62
CA GLY A 65 17.18 -2.16 9.71
C GLY A 65 16.90 -1.79 8.25
N VAL A 66 15.82 -1.04 8.00
CA VAL A 66 15.56 -0.57 6.64
C VAL A 66 15.14 0.89 6.71
N THR A 67 15.25 1.56 5.56
CA THR A 67 14.84 2.93 5.44
C THR A 67 13.52 2.98 4.70
N GLY A 68 12.86 4.13 4.79
CA GLY A 68 11.63 4.40 4.09
C GLY A 68 11.86 4.36 2.59
N HIS A 69 13.04 4.88 2.18
CA HIS A 69 13.38 4.90 0.77
C HIS A 69 13.45 3.45 0.25
N GLU A 70 14.10 2.58 1.02
CA GLU A 70 14.23 1.18 0.62
C GLU A 70 12.84 0.54 0.61
N VAL A 71 12.08 0.69 1.70
CA VAL A 71 10.76 0.09 1.77
C VAL A 71 9.95 0.50 0.54
N CYS A 72 9.93 1.80 0.20
CA CYS A 72 9.09 2.27 -0.89
C CYS A 72 9.57 1.76 -2.25
N ASN A 73 10.89 1.71 -2.46
CA ASN A 73 11.41 1.22 -3.73
C ASN A 73 10.94 -0.23 -3.91
N TYR A 74 11.05 -1.01 -2.84
CA TYR A 74 10.66 -2.42 -2.94
C TYR A 74 9.16 -2.57 -3.15
N PHE A 75 8.38 -1.70 -2.51
CA PHE A 75 6.95 -1.75 -2.67
C PHE A 75 6.59 -1.36 -4.11
N TRP A 76 7.33 -0.40 -4.68
CA TRP A 76 6.98 0.18 -5.96
C TRP A 76 7.51 -0.65 -7.12
N ASN A 77 8.66 -1.28 -6.92
CA ASN A 77 9.40 -1.81 -8.07
C ASN A 77 8.74 -3.08 -8.64
N VAL A 78 8.19 -3.01 -9.86
CA VAL A 78 7.42 -4.14 -10.39
C VAL A 78 8.30 -5.39 -10.50
N ASP A 79 9.61 -5.20 -10.51
CA ASP A 79 10.51 -6.30 -10.81
C ASP A 79 10.68 -7.24 -9.61
N VAL A 80 10.27 -6.84 -8.41
CA VAL A 80 10.41 -7.74 -7.28
C VAL A 80 9.01 -8.10 -6.78
N ARG A 81 7.98 -7.64 -7.49
CA ARG A 81 6.59 -7.81 -7.09
C ARG A 81 6.29 -9.28 -6.79
N ASN A 82 6.70 -10.22 -7.67
CA ASN A 82 6.38 -11.63 -7.51
C ASN A 82 7.13 -12.27 -6.36
N ASP A 83 8.15 -11.60 -5.81
CA ASP A 83 8.89 -12.15 -4.69
C ASP A 83 8.17 -11.96 -3.37
N TRP A 84 7.19 -11.06 -3.29
CA TRP A 84 6.53 -10.87 -2.01
C TRP A 84 4.99 -10.99 -2.11
N GLU A 85 4.43 -10.79 -3.32
CA GLU A 85 2.98 -10.80 -3.47
C GLU A 85 2.54 -12.25 -3.33
N THR A 86 1.43 -12.52 -2.62
CA THR A 86 0.85 -13.86 -2.63
C THR A 86 -0.56 -13.92 -3.21
N THR A 87 -1.22 -12.76 -3.45
CA THR A 87 -2.64 -12.78 -3.75
C THR A 87 -2.91 -12.37 -5.20
N ILE A 88 -1.85 -12.26 -6.00
CA ILE A 88 -1.90 -11.79 -7.38
C ILE A 88 -1.83 -13.00 -8.31
N GLU A 89 -2.78 -13.10 -9.24
CA GLU A 89 -2.68 -14.08 -10.32
C GLU A 89 -1.76 -13.54 -11.43
N ASN A 90 -2.02 -12.31 -11.89
CA ASN A 90 -1.30 -11.78 -13.05
C ASN A 90 -1.20 -10.27 -12.86
N PHE A 91 -0.11 -9.66 -13.35
CA PHE A 91 -0.15 -8.22 -13.52
C PHE A 91 0.57 -7.85 -14.81
N HIS A 92 0.21 -6.68 -15.33
CA HIS A 92 0.83 -6.18 -16.54
C HIS A 92 1.04 -4.70 -16.31
N VAL A 93 2.23 -4.16 -16.62
CA VAL A 93 2.39 -2.71 -16.75
C VAL A 93 1.71 -2.22 -18.03
N VAL A 94 0.69 -1.37 -17.87
CA VAL A 94 -0.10 -0.86 -18.99
C VAL A 94 0.60 0.35 -19.63
N GLU A 95 1.25 1.16 -18.81
CA GLU A 95 1.76 2.41 -19.34
C GLU A 95 2.83 2.92 -18.39
N THR A 96 3.93 3.42 -18.95
CA THR A 96 4.96 4.07 -18.15
C THR A 96 4.77 5.58 -18.28
N LEU A 97 4.43 6.26 -17.17
CA LEU A 97 4.16 7.69 -17.25
C LEU A 97 5.46 8.46 -17.04
N ALA A 98 6.31 7.99 -16.13
CA ALA A 98 7.53 8.69 -15.78
C ALA A 98 8.41 7.68 -15.05
N ASP A 99 9.61 8.05 -14.61
CA ASP A 99 10.42 6.99 -14.04
C ASP A 99 10.00 6.70 -12.59
N ASN A 100 9.02 7.43 -12.07
CA ASN A 100 8.50 7.18 -10.73
C ASN A 100 6.99 6.90 -10.81
N ALA A 101 6.42 6.74 -12.00
CA ALA A 101 4.98 6.50 -12.11
C ALA A 101 4.63 5.61 -13.30
N ILE A 102 3.78 4.61 -13.02
CA ILE A 102 3.31 3.65 -13.99
C ILE A 102 1.86 3.33 -13.70
N ILE A 103 1.18 2.76 -14.69
CA ILE A 103 -0.18 2.29 -14.56
C ILE A 103 -0.13 0.77 -14.71
N ILE A 104 -0.78 0.07 -13.76
CA ILE A 104 -0.69 -1.37 -13.65
C ILE A 104 -2.10 -1.97 -13.76
N TYR A 105 -2.16 -3.14 -14.44
CA TYR A 105 -3.34 -3.99 -14.41
C TYR A 105 -2.96 -5.26 -13.66
N GLN A 106 -3.82 -5.73 -12.76
CA GLN A 106 -3.53 -7.00 -12.11
C GLN A 106 -4.81 -7.71 -11.76
N THR A 107 -4.70 -9.04 -11.69
CA THR A 107 -5.81 -9.87 -11.31
C THR A 107 -5.43 -10.50 -9.99
N HIS A 108 -6.44 -10.59 -9.11
CA HIS A 108 -6.28 -11.19 -7.80
C HIS A 108 -6.75 -12.64 -7.83
N LYS A 109 -6.00 -13.52 -7.16
CA LYS A 109 -6.46 -14.87 -6.93
C LYS A 109 -7.92 -14.87 -6.45
N ARG A 110 -8.72 -15.79 -6.99
CA ARG A 110 -10.11 -15.86 -6.60
C ARG A 110 -10.22 -16.23 -5.12
N VAL A 111 -11.13 -15.60 -4.38
CA VAL A 111 -11.39 -16.16 -3.06
C VAL A 111 -12.82 -16.72 -3.04
N TRP A 112 -12.95 -18.04 -3.02
CA TRP A 112 -14.28 -18.63 -3.06
C TRP A 112 -15.11 -18.12 -1.87
N PRO A 113 -16.39 -17.79 -2.11
CA PRO A 113 -17.06 -18.00 -3.39
C PRO A 113 -17.26 -16.75 -4.24
N ALA A 114 -16.49 -15.68 -3.97
CA ALA A 114 -16.70 -14.46 -4.72
C ALA A 114 -16.07 -14.59 -6.10
N SER A 115 -16.53 -13.77 -7.06
CA SER A 115 -15.85 -13.79 -8.35
C SER A 115 -14.50 -13.09 -8.26
N GLN A 116 -13.64 -13.38 -9.22
CA GLN A 116 -12.33 -12.80 -9.27
C GLN A 116 -12.45 -11.28 -9.43
N ARG A 117 -11.49 -10.57 -8.83
CA ARG A 117 -11.39 -9.12 -8.99
C ARG A 117 -10.13 -8.80 -9.80
N ASP A 118 -10.24 -7.73 -10.59
CA ASP A 118 -9.05 -7.13 -11.19
C ASP A 118 -9.01 -5.64 -10.82
N VAL A 119 -7.84 -5.03 -11.03
CA VAL A 119 -7.61 -3.67 -10.60
C VAL A 119 -6.81 -2.98 -11.70
N LEU A 120 -7.04 -1.68 -11.86
CA LEU A 120 -6.27 -0.88 -12.80
C LEU A 120 -5.88 0.41 -12.08
N TYR A 121 -4.58 0.59 -11.87
CA TYR A 121 -4.21 1.66 -10.98
C TYR A 121 -2.86 2.29 -11.38
N LEU A 122 -2.75 3.57 -11.04
CA LEU A 122 -1.48 4.29 -11.18
C LEU A 122 -0.72 4.09 -9.88
N SER A 123 0.55 3.76 -10.03
CA SER A 123 1.42 3.59 -8.88
C SER A 123 2.55 4.60 -9.00
N VAL A 124 2.74 5.43 -7.96
CA VAL A 124 3.72 6.50 -7.98
C VAL A 124 4.50 6.50 -6.67
N ILE A 125 5.81 6.67 -6.77
CA ILE A 125 6.67 6.77 -5.60
C ILE A 125 7.21 8.20 -5.53
N ARG A 126 7.19 8.80 -4.32
CA ARG A 126 7.57 10.21 -4.17
C ARG A 126 8.30 10.42 -2.83
N LYS A 127 9.30 11.30 -2.85
CA LYS A 127 9.93 11.75 -1.62
C LYS A 127 9.32 13.11 -1.27
N ILE A 128 8.89 13.27 -0.01
CA ILE A 128 8.30 14.53 0.46
C ILE A 128 9.34 15.13 1.41
N PRO A 129 9.99 16.26 1.03
CA PRO A 129 11.04 16.82 1.87
C PRO A 129 10.48 17.24 3.24
N ALA A 130 11.35 17.14 4.25
CA ALA A 130 11.01 17.58 5.60
C ALA A 130 10.47 19.01 5.54
N LEU A 131 9.29 19.23 6.12
CA LEU A 131 8.69 20.55 6.19
C LEU A 131 9.67 21.52 6.84
N THR A 132 10.19 21.16 8.03
CA THR A 132 11.22 21.92 8.71
C THR A 132 12.38 20.98 9.01
N GLU A 133 13.56 21.53 9.34
CA GLU A 133 14.69 20.66 9.60
C GLU A 133 14.44 19.85 10.87
N ASN A 134 13.30 20.09 11.52
CA ASN A 134 12.88 19.37 12.71
C ASN A 134 12.20 18.06 12.32
N ASP A 135 11.53 18.08 11.16
CA ASP A 135 10.58 17.03 10.82
C ASP A 135 11.28 15.99 9.95
N PRO A 136 10.70 14.77 9.84
CA PRO A 136 11.31 13.71 9.04
C PRO A 136 11.01 13.97 7.56
N GLU A 137 11.89 13.50 6.67
CA GLU A 137 11.42 13.34 5.30
C GLU A 137 10.58 12.06 5.25
N THR A 138 9.63 12.04 4.31
CA THR A 138 8.76 10.90 4.13
C THR A 138 8.94 10.37 2.71
N TRP A 139 8.94 9.04 2.55
CA TRP A 139 8.75 8.44 1.25
C TRP A 139 7.35 7.83 1.21
N ILE A 140 6.65 8.00 0.10
CA ILE A 140 5.32 7.45 -0.05
C ILE A 140 5.20 6.73 -1.39
N VAL A 141 4.51 5.58 -1.37
CA VAL A 141 3.96 5.03 -2.60
C VAL A 141 2.45 5.15 -2.53
N CYS A 142 1.87 5.73 -3.59
CA CYS A 142 0.43 5.77 -3.70
C CYS A 142 0.02 4.94 -4.92
N ASN A 143 -0.92 4.02 -4.66
CA ASN A 143 -1.54 3.24 -5.72
C ASN A 143 -3.01 3.59 -5.76
N PHE A 144 -3.48 4.22 -6.84
CA PHE A 144 -4.90 4.59 -6.90
C PHE A 144 -5.50 4.29 -8.26
N SER A 145 -6.78 3.87 -8.27
CA SER A 145 -7.41 3.41 -9.50
C SER A 145 -7.51 4.57 -10.49
N VAL A 146 -7.32 4.26 -11.80
CA VAL A 146 -7.51 5.21 -12.88
C VAL A 146 -8.16 4.47 -14.05
N ASP A 147 -8.74 5.22 -14.98
CA ASP A 147 -9.32 4.64 -16.18
C ASP A 147 -8.22 4.60 -17.23
N HIS A 148 -8.27 3.60 -18.11
CA HIS A 148 -7.30 3.49 -19.18
C HIS A 148 -7.87 2.69 -20.35
N ASP A 149 -7.61 3.17 -21.57
CA ASP A 149 -8.07 2.55 -22.80
C ASP A 149 -7.49 1.14 -22.97
N SER A 150 -6.23 0.92 -22.58
CA SER A 150 -5.57 -0.36 -22.81
C SER A 150 -5.91 -1.39 -21.74
N ALA A 151 -7.03 -1.14 -21.03
CA ALA A 151 -7.53 -2.02 -20.00
C ALA A 151 -7.98 -3.32 -20.66
N PRO A 152 -7.46 -4.48 -20.23
CA PRO A 152 -7.92 -5.77 -20.74
C PRO A 152 -9.40 -6.04 -20.47
N LEU A 153 -10.03 -6.75 -21.43
CA LEU A 153 -11.25 -7.52 -21.25
C LEU A 153 -10.94 -8.78 -20.43
N ASN A 154 -11.58 -8.91 -19.26
CA ASN A 154 -11.45 -10.10 -18.42
C ASN A 154 -12.84 -10.42 -17.88
N ASN A 155 -13.50 -11.38 -18.54
CA ASN A 155 -14.89 -11.65 -18.30
C ASN A 155 -15.03 -12.36 -16.95
N ARG A 156 -13.94 -12.99 -16.49
CA ARG A 156 -13.92 -13.63 -15.18
C ARG A 156 -13.89 -12.62 -14.02
N CYS A 157 -13.63 -11.33 -14.30
CA CYS A 157 -13.23 -10.40 -13.24
C CYS A 157 -14.20 -9.24 -13.05
N VAL A 158 -14.44 -8.85 -11.77
CA VAL A 158 -15.10 -7.61 -11.39
C VAL A 158 -14.01 -6.61 -11.05
N ARG A 159 -14.20 -5.36 -11.51
CA ARG A 159 -13.14 -4.37 -11.42
C ARG A 159 -13.21 -3.74 -10.03
N ALA A 160 -12.21 -3.98 -9.19
CA ALA A 160 -12.19 -3.31 -7.90
C ALA A 160 -11.55 -1.94 -8.07
N LYS A 161 -11.80 -1.03 -7.13
CA LYS A 161 -11.14 0.27 -7.16
C LYS A 161 -10.41 0.48 -5.84
N ILE A 162 -9.20 1.04 -5.92
CA ILE A 162 -8.35 1.11 -4.75
C ILE A 162 -7.77 2.50 -4.64
N ASN A 163 -7.48 2.85 -3.38
CA ASN A 163 -6.61 3.95 -3.04
C ASN A 163 -5.77 3.48 -1.86
N VAL A 164 -4.50 3.19 -2.13
CA VAL A 164 -3.61 2.57 -1.17
C VAL A 164 -2.42 3.52 -1.06
N ALA A 165 -1.88 3.68 0.16
CA ALA A 165 -0.62 4.41 0.30
C ALA A 165 0.25 3.71 1.33
N MET A 166 1.54 3.61 1.02
CA MET A 166 2.51 3.11 1.96
C MET A 166 3.42 4.29 2.29
N ILE A 167 3.41 4.74 3.55
CA ILE A 167 3.98 6.02 3.91
C ILE A 167 5.06 5.75 4.94
N CYS A 168 6.30 6.19 4.67
CA CYS A 168 7.41 5.73 5.49
C CYS A 168 8.23 6.90 6.03
N GLN A 169 8.54 6.86 7.34
CA GLN A 169 9.50 7.81 7.89
C GLN A 169 10.56 7.02 8.63
N THR A 170 11.79 7.50 8.57
CA THR A 170 12.94 6.74 9.00
C THR A 170 13.58 7.46 10.18
N LEU A 171 13.86 6.73 11.25
CA LEU A 171 14.52 7.28 12.43
C LEU A 171 15.89 6.65 12.43
N VAL A 172 16.93 7.43 12.78
CA VAL A 172 18.24 6.84 12.92
C VAL A 172 18.82 7.26 14.27
N SER A 173 19.62 6.39 14.90
CA SER A 173 20.42 6.73 16.06
C SER A 173 21.57 7.68 15.68
N GLU A 180 30.08 5.48 11.00
CA GLU A 180 29.24 4.85 9.98
C GLU A 180 27.95 4.39 10.64
N ILE A 181 26.81 4.87 10.12
CA ILE A 181 25.50 4.46 10.57
C ILE A 181 25.31 3.00 10.16
N SER A 182 24.90 2.18 11.12
CA SER A 182 24.63 0.79 10.77
C SER A 182 23.12 0.52 10.72
N ARG A 183 22.76 -0.60 10.07
CA ARG A 183 21.37 -1.04 9.99
C ARG A 183 20.77 -1.19 11.39
N ASP A 184 21.62 -1.60 12.34
CA ASP A 184 21.26 -1.75 13.75
C ASP A 184 20.59 -0.48 14.27
N ASN A 185 20.93 0.68 13.70
CA ASN A 185 20.46 1.90 14.31
C ASN A 185 19.35 2.57 13.48
N ILE A 186 18.78 1.84 12.51
CA ILE A 186 17.76 2.48 11.69
C ILE A 186 16.41 1.81 11.92
N LEU A 187 15.36 2.62 12.13
CA LEU A 187 13.99 2.13 12.27
C LEU A 187 13.13 2.78 11.19
N CYS A 188 12.33 2.00 10.45
CA CYS A 188 11.39 2.58 9.50
C CYS A 188 9.96 2.53 10.04
N LYS A 189 9.34 3.69 10.26
CA LYS A 189 7.96 3.75 10.70
C LYS A 189 7.06 3.79 9.48
N ILE A 190 6.15 2.81 9.39
CA ILE A 190 5.24 2.69 8.26
C ILE A 190 3.82 3.03 8.70
N THR A 191 3.16 3.83 7.89
CA THR A 191 1.71 3.88 7.90
C THR A 191 1.25 3.35 6.54
N TYR A 192 0.37 2.34 6.57
CA TYR A 192 -0.17 1.76 5.34
C TYR A 192 -1.70 1.92 5.36
N VAL A 193 -2.26 2.54 4.32
CA VAL A 193 -3.72 2.63 4.27
C VAL A 193 -4.21 2.01 2.96
N ALA A 194 -5.37 1.35 3.00
CA ALA A 194 -5.95 0.76 1.80
C ALA A 194 -7.47 0.99 1.89
N ASN A 195 -7.98 1.78 0.94
CA ASN A 195 -9.41 1.90 0.74
C ASN A 195 -9.75 1.17 -0.56
N VAL A 196 -10.47 0.05 -0.44
CA VAL A 196 -10.77 -0.82 -1.57
C VAL A 196 -12.27 -0.93 -1.73
N ASN A 197 -12.75 -0.57 -2.93
CA ASN A 197 -14.11 -0.89 -3.31
C ASN A 197 -14.08 -2.16 -4.15
N PRO A 198 -14.57 -3.31 -3.66
CA PRO A 198 -14.45 -4.57 -4.40
C PRO A 198 -15.33 -4.63 -5.66
N GLY A 199 -16.17 -3.62 -5.83
CA GLY A 199 -17.17 -3.65 -6.89
C GLY A 199 -18.23 -4.72 -6.67
N GLY A 200 -19.15 -4.74 -7.62
CA GLY A 200 -20.11 -5.83 -7.71
C GLY A 200 -20.61 -6.24 -6.32
N TRP A 201 -20.83 -7.52 -6.16
CA TRP A 201 -21.24 -7.91 -4.84
C TRP A 201 -20.27 -8.99 -4.39
N ALA A 202 -19.94 -9.00 -3.11
CA ALA A 202 -19.24 -10.16 -2.59
C ALA A 202 -19.77 -10.32 -1.17
N PRO A 203 -19.83 -11.56 -0.61
CA PRO A 203 -20.37 -11.74 0.74
C PRO A 203 -19.53 -10.90 1.68
N ALA A 204 -20.21 -10.15 2.56
CA ALA A 204 -19.51 -9.33 3.52
C ALA A 204 -18.56 -10.19 4.35
N SER A 205 -19.00 -11.39 4.75
CA SER A 205 -18.19 -12.17 5.67
C SER A 205 -16.87 -12.52 5.00
N VAL A 206 -16.96 -12.78 3.69
CA VAL A 206 -15.78 -13.14 2.91
C VAL A 206 -14.79 -11.96 2.87
N LEU A 207 -15.24 -10.80 2.38
CA LEU A 207 -14.44 -9.59 2.34
C LEU A 207 -13.75 -9.35 3.69
N ARG A 208 -14.51 -9.43 4.79
CA ARG A 208 -13.84 -9.08 6.04
C ARG A 208 -12.84 -10.16 6.46
N ALA A 209 -13.13 -11.43 6.15
CA ALA A 209 -12.19 -12.47 6.53
C ALA A 209 -10.91 -12.36 5.69
N VAL A 210 -11.06 -12.04 4.40
CA VAL A 210 -9.89 -11.92 3.54
C VAL A 210 -9.02 -10.77 4.07
N ALA A 211 -9.66 -9.63 4.39
CA ALA A 211 -8.91 -8.48 4.85
C ALA A 211 -8.18 -8.82 6.15
N LYS A 212 -8.91 -9.44 7.08
CA LYS A 212 -8.34 -9.66 8.40
C LYS A 212 -7.16 -10.61 8.31
N ARG A 213 -7.25 -11.57 7.38
CA ARG A 213 -6.16 -12.52 7.18
C ARG A 213 -5.02 -11.89 6.36
N GLU A 214 -5.35 -11.32 5.19
CA GLU A 214 -4.34 -11.00 4.19
C GLU A 214 -3.56 -9.72 4.50
N TYR A 215 -4.16 -8.71 5.15
CA TYR A 215 -3.39 -7.49 5.42
C TYR A 215 -2.22 -7.73 6.37
N PRO A 216 -2.40 -8.36 7.55
CA PRO A 216 -1.29 -8.66 8.44
C PRO A 216 -0.24 -9.58 7.82
N LYS A 217 -0.71 -10.54 7.01
CA LYS A 217 0.17 -11.47 6.33
C LYS A 217 1.01 -10.69 5.32
N PHE A 218 0.35 -9.80 4.59
CA PHE A 218 1.06 -9.01 3.59
C PHE A 218 2.13 -8.16 4.29
N LEU A 219 1.76 -7.43 5.35
CA LEU A 219 2.67 -6.50 5.99
C LEU A 219 3.84 -7.27 6.59
N LYS A 220 3.57 -8.37 7.27
CA LYS A 220 4.63 -9.15 7.88
C LYS A 220 5.54 -9.68 6.77
N ARG A 221 4.95 -10.19 5.70
CA ARG A 221 5.76 -10.81 4.67
C ARG A 221 6.57 -9.77 3.90
N PHE A 222 5.90 -8.70 3.50
CA PHE A 222 6.54 -7.68 2.69
C PHE A 222 7.69 -7.06 3.48
N THR A 223 7.45 -6.65 4.73
CA THR A 223 8.49 -5.97 5.47
C THR A 223 9.69 -6.91 5.68
N SER A 224 9.41 -8.21 5.87
CA SER A 224 10.46 -9.17 6.15
C SER A 224 11.29 -9.39 4.90
N TYR A 225 10.64 -9.39 3.72
CA TYR A 225 11.37 -9.41 2.47
C TYR A 225 12.30 -8.20 2.33
N VAL A 226 11.88 -7.01 2.81
CA VAL A 226 12.72 -5.84 2.62
C VAL A 226 13.96 -5.96 3.52
N GLN A 227 13.74 -6.35 4.78
CA GLN A 227 14.82 -6.63 5.69
C GLN A 227 15.80 -7.61 5.08
N GLU A 228 15.27 -8.68 4.48
CA GLU A 228 16.14 -9.74 3.99
C GLU A 228 16.93 -9.28 2.76
N LYS A 229 16.27 -8.59 1.82
CA LYS A 229 16.94 -8.20 0.59
C LYS A 229 17.99 -7.10 0.86
N THR A 230 17.81 -6.32 1.93
CA THR A 230 18.67 -5.16 2.11
C THR A 230 19.84 -5.47 3.04
N ALA A 231 19.73 -6.52 3.87
CA ALA A 231 20.69 -6.68 4.96
C ALA A 231 22.06 -6.93 4.35
N GLY A 232 23.11 -6.33 4.92
CA GLY A 232 24.43 -6.36 4.32
C GLY A 232 24.53 -5.66 2.96
N LYS A 233 23.61 -4.73 2.67
CA LYS A 233 23.81 -3.82 1.54
C LYS A 233 24.04 -2.43 2.13
N PRO A 234 24.77 -1.53 1.43
CA PRO A 234 24.86 -0.14 1.87
C PRO A 234 23.43 0.42 2.02
N ILE A 235 23.24 1.21 3.08
CA ILE A 235 21.96 1.82 3.37
C ILE A 235 21.62 2.89 2.33
N LEU A 236 20.45 2.73 1.71
CA LEU A 236 19.93 3.73 0.78
C LEU A 236 18.94 4.61 1.53
N PHE A 237 19.40 5.77 2.04
CA PHE A 237 18.51 6.69 2.72
C PHE A 237 17.63 7.45 1.72
C12 A50 B . -3.67 -3.51 -4.15
C13 A50 B . -9.41 -6.67 -0.75
C14 A50 B . -9.07 -8.13 -0.30
C15 A50 B . -4.88 -8.49 0.32
C17 A50 B . -7.01 -7.64 1.09
C18 A50 B . -7.60 -8.26 -0.04
C19 A50 B . -5.54 -9.06 -0.76
C20 A50 B . 0.04 -3.84 -3.45
N1 A50 B . -6.88 -8.95 -0.97
C5 A50 B . -7.41 -5.80 -2.02
C6 A50 B . -6.75 -5.50 -3.23
C7 A50 B . -2.93 -3.67 -2.99
C9 A50 B . -4.64 -4.99 -1.99
O2 A50 B . -1.55 -1.62 -3.70
S1 A50 B . -1.37 -2.82 -2.85
O1 A50 B . -1.09 -2.71 -1.41
C21 A50 B . -0.19 -4.09 -4.97
O3 A50 B . -0.97 -5.26 -5.15
C11 A50 B . -4.93 -4.13 -4.24
C10 A50 B . -5.41 -4.88 -3.16
C8 A50 B . -3.36 -4.39 -1.87
C1 A50 B . -7.41 -5.70 -4.46
C23 A50 B . -8.72 -6.25 -4.52
C3 A50 B . -9.36 -6.58 -3.29
C24 A50 B . -10.76 -7.13 -3.34
C25 A50 B . -10.72 -8.64 -3.42
C26 A50 B . -12.17 -9.13 -3.42
C27 A50 B . -12.14 -10.56 -2.90
C28 A50 B . -13.55 -11.13 -3.07
C4 A50 B . -8.71 -6.34 -2.06
C16 A50 B . -5.61 -7.76 1.28
#